data_4P0O
#
_entry.id   4P0O
#
_cell.length_a   87.220
_cell.length_b   109.770
_cell.length_c   140.580
_cell.angle_alpha   90.00
_cell.angle_beta   90.00
_cell.angle_gamma   90.00
#
_symmetry.space_group_name_H-M   'I 2 2 2'
#
loop_
_entity.id
_entity.type
_entity.pdbx_description
1 polymer 'Serine protease inhibitor 4, isoform B'
2 water water
#
_entity_poly.entity_id   1
_entity_poly.type   'polypeptide(L)'
_entity_poly.pdbx_seq_one_letter_code
;MMADAAHQEFARRLALFSINVYGKLSGQKPGENIVFSPFSIQTCAAMARLGAENETATQLDQGLGLASSDPEQIAHSFHQ
VLAAYQDSQILRIANKIFVMDGYQLRQEFDQLLSKQFLSAAQSVDFSKNVQAAATINNWVEQRTNHLIKDLVPADVLNSE
SRLVLVNAIHFKGTWQHQFAKHLTRPDTFHLDGERTVQVPMMSLKERFRYADLPALDAMALELPYKDSDLSMLIVLPNTK
TGLPALEEKLRLTTLSQITQSLYETKVALKLPRFKAEFQVELSEVFQKLGMSRMFSDQAEFGKMLQSPEPLKVSAIIHKA
FIEVNEEGTEAAAATGMAVRRKRAIMSPEEPIEFFADHPFTYVLVHQKDLPLFWGSVVRLEENTFASSEHDEL
;
_entity_poly.pdbx_strand_id   A
#
# COMPACT_ATOMS: atom_id res chain seq x y z
N ALA A 5 17.02 13.87 -4.87
CA ALA A 5 17.77 13.45 -3.69
C ALA A 5 17.28 12.09 -3.20
N ALA A 6 17.46 11.82 -1.91
CA ALA A 6 17.08 10.53 -1.33
C ALA A 6 15.57 10.32 -1.43
N HIS A 7 14.79 11.34 -1.09
CA HIS A 7 13.34 11.22 -1.14
C HIS A 7 12.91 10.88 -2.56
N GLN A 8 13.42 11.64 -3.53
CA GLN A 8 12.98 11.45 -4.91
C GLN A 8 13.36 10.06 -5.43
N GLU A 9 14.53 9.57 -5.10
CA GLU A 9 14.91 8.27 -5.53
C GLU A 9 14.06 7.19 -4.86
N PHE A 10 13.87 7.32 -3.56
CA PHE A 10 13.05 6.36 -2.82
C PHE A 10 11.65 6.33 -3.45
N ALA A 11 11.11 7.51 -3.73
CA ALA A 11 9.75 7.63 -4.27
C ALA A 11 9.64 6.98 -5.66
N ARG A 12 10.63 7.24 -6.50
CA ARG A 12 10.66 6.70 -7.86
C ARG A 12 10.64 5.17 -7.82
N ARG A 13 11.49 4.60 -6.98
CA ARG A 13 11.59 3.15 -6.85
C ARG A 13 10.31 2.56 -6.30
N LEU A 14 9.70 3.26 -5.35
CA LEU A 14 8.44 2.80 -4.76
C LEU A 14 7.28 2.90 -5.78
N ALA A 15 7.23 3.99 -6.55
CA ALA A 15 6.21 4.15 -7.59
C ALA A 15 6.26 3.00 -8.62
N LEU A 16 7.47 2.59 -9.00
CA LEU A 16 7.62 1.51 -9.96
C LEU A 16 7.19 0.18 -9.33
N PHE A 17 7.64 -0.07 -8.09
CA PHE A 17 7.18 -1.25 -7.34
C PHE A 17 5.64 -1.25 -7.28
N SER A 18 5.04 -0.08 -7.08
CA SER A 18 3.59 0.05 -6.95
C SER A 18 2.85 -0.39 -8.20
N ILE A 19 3.28 0.11 -9.36
CA ILE A 19 2.58 -0.26 -10.60
C ILE A 19 2.87 -1.74 -10.91
N ASN A 20 4.05 -2.22 -10.57
CA ASN A 20 4.37 -3.64 -10.72
C ASN A 20 3.39 -4.52 -9.93
N VAL A 21 3.18 -4.19 -8.67
CA VAL A 21 2.29 -4.97 -7.82
C VAL A 21 0.85 -4.79 -8.31
N TYR A 22 0.48 -3.57 -8.65
CA TYR A 22 -0.88 -3.28 -9.07
C TYR A 22 -1.28 -4.13 -10.28
N GLY A 23 -0.38 -4.22 -11.26
CA GLY A 23 -0.62 -5.04 -12.43
C GLY A 23 -0.85 -6.51 -12.10
N LYS A 24 -0.04 -7.06 -11.20
CA LYS A 24 -0.19 -8.45 -10.79
C LYS A 24 -1.47 -8.64 -9.98
N LEU A 25 -1.84 -7.70 -9.12
CA LEU A 25 -3.08 -7.80 -8.37
C LEU A 25 -4.31 -7.75 -9.28
N SER A 26 -4.30 -6.80 -10.21
CA SER A 26 -5.40 -6.67 -11.17
C SER A 26 -5.62 -7.96 -11.95
N GLY A 27 -4.53 -8.64 -12.27
CA GLY A 27 -4.59 -9.92 -12.96
C GLY A 27 -5.03 -11.06 -12.06
N GLN A 28 -4.59 -11.04 -10.81
CA GLN A 28 -4.95 -12.08 -9.86
C GLN A 28 -6.38 -11.95 -9.34
N LYS A 29 -6.86 -10.72 -9.20
CA LYS A 29 -8.18 -10.46 -8.62
C LYS A 29 -9.00 -9.52 -9.49
N PRO A 30 -9.35 -9.97 -10.70
CA PRO A 30 -10.08 -9.10 -11.64
C PRO A 30 -11.51 -8.83 -11.18
N GLY A 31 -12.08 -7.71 -11.63
CA GLY A 31 -13.47 -7.40 -11.38
C GLY A 31 -13.78 -6.89 -9.99
N GLU A 32 -12.76 -6.67 -9.15
CA GLU A 32 -13.05 -6.10 -7.84
C GLU A 32 -12.24 -4.85 -7.60
N ASN A 33 -12.73 -4.04 -6.69
CA ASN A 33 -12.04 -2.81 -6.32
C ASN A 33 -10.75 -3.12 -5.58
N ILE A 34 -9.62 -2.72 -6.16
CA ILE A 34 -8.34 -2.90 -5.52
C ILE A 34 -8.05 -1.71 -4.62
N VAL A 35 -7.51 -1.99 -3.45
CA VAL A 35 -6.84 -0.96 -2.66
C VAL A 35 -5.71 -1.64 -1.90
N PHE A 36 -4.54 -1.00 -1.90
CA PHE A 36 -3.39 -1.52 -1.18
C PHE A 36 -2.44 -0.38 -0.85
N SER A 37 -1.54 -0.65 0.08
CA SER A 37 -0.48 0.29 0.42
C SER A 37 0.85 -0.28 -0.05
N PRO A 38 1.36 0.19 -1.20
CA PRO A 38 2.67 -0.29 -1.63
C PRO A 38 3.78 0.04 -0.63
N PHE A 39 3.65 1.19 0.04
CA PHE A 39 4.61 1.57 1.08
C PHE A 39 4.66 0.56 2.21
N SER A 40 3.50 0.07 2.63
CA SER A 40 3.42 -0.92 3.69
C SER A 40 4.11 -2.22 3.26
N ILE A 41 3.83 -2.65 2.03
CA ILE A 41 4.40 -3.89 1.52
C ILE A 41 5.93 -3.78 1.39
N GLN A 42 6.39 -2.69 0.80
CA GLN A 42 7.82 -2.55 0.56
C GLN A 42 8.56 -2.47 1.91
N THR A 43 7.97 -1.80 2.89
CA THR A 43 8.63 -1.63 4.18
C THR A 43 8.74 -2.96 4.92
N CYS A 44 7.65 -3.74 4.93
CA CYS A 44 7.65 -5.01 5.62
C CYS A 44 8.66 -5.95 4.97
N ALA A 45 8.67 -5.99 3.65
CA ALA A 45 9.58 -6.86 2.93
C ALA A 45 11.04 -6.43 3.13
N ALA A 46 11.27 -5.13 3.17
CA ALA A 46 12.61 -4.62 3.42
C ALA A 46 13.12 -5.02 4.81
N MET A 47 12.23 -5.03 5.80
CA MET A 47 12.59 -5.52 7.14
C MET A 47 13.04 -6.98 7.07
N ALA A 48 12.33 -7.81 6.31
CA ALA A 48 12.73 -9.21 6.15
C ALA A 48 14.08 -9.34 5.44
N ARG A 49 14.30 -8.51 4.42
CA ARG A 49 15.55 -8.46 3.67
C ARG A 49 16.76 -8.25 4.57
N LEU A 50 16.60 -7.49 5.65
CA LEU A 50 17.72 -7.26 6.57
C LEU A 50 18.31 -8.57 7.09
N GLY A 51 17.49 -9.62 7.18
CA GLY A 51 17.93 -10.90 7.68
C GLY A 51 18.23 -11.91 6.59
N ALA A 52 18.15 -11.48 5.33
CA ALA A 52 18.37 -12.37 4.19
C ALA A 52 19.82 -12.35 3.71
N GLU A 53 20.21 -13.44 3.06
CA GLU A 53 21.55 -13.55 2.48
C GLU A 53 21.51 -14.06 1.04
N ASN A 54 22.63 -13.86 0.35
CA ASN A 54 22.89 -14.52 -0.93
C ASN A 54 21.77 -14.27 -1.96
N GLU A 55 21.38 -15.28 -2.72
CA GLU A 55 20.44 -15.04 -3.80
C GLU A 55 19.07 -14.60 -3.24
N THR A 56 18.70 -15.08 -2.05
CA THR A 56 17.46 -14.65 -1.43
C THR A 56 17.44 -13.14 -1.27
N ALA A 57 18.54 -12.60 -0.74
CA ALA A 57 18.66 -11.15 -0.55
C ALA A 57 18.68 -10.42 -1.90
N THR A 58 19.40 -10.96 -2.87
CA THR A 58 19.54 -10.28 -4.16
C THR A 58 18.18 -10.18 -4.84
N GLN A 59 17.39 -11.26 -4.77
CA GLN A 59 16.05 -11.24 -5.36
C GLN A 59 15.18 -10.17 -4.70
N LEU A 60 15.24 -10.06 -3.38
CA LEU A 60 14.49 -9.01 -2.68
C LEU A 60 14.94 -7.61 -3.06
N ASP A 61 16.24 -7.41 -3.13
CA ASP A 61 16.77 -6.11 -3.56
C ASP A 61 16.19 -5.72 -4.91
N GLN A 62 16.19 -6.67 -5.84
CA GLN A 62 15.82 -6.35 -7.21
C GLN A 62 14.32 -6.25 -7.41
N GLY A 63 13.57 -7.12 -6.73
CA GLY A 63 12.14 -7.14 -6.85
C GLY A 63 11.45 -6.00 -6.13
N LEU A 64 12.03 -5.56 -5.01
CA LEU A 64 11.47 -4.45 -4.24
C LEU A 64 11.94 -3.10 -4.77
N GLY A 65 13.05 -3.11 -5.50
CA GLY A 65 13.69 -1.92 -6.01
C GLY A 65 14.49 -1.17 -4.95
N LEU A 66 15.20 -1.91 -4.09
CA LEU A 66 16.04 -1.27 -3.06
C LEU A 66 17.28 -0.67 -3.73
N ALA A 67 17.82 0.39 -3.13
CA ALA A 67 18.90 1.15 -3.77
C ALA A 67 20.27 0.66 -3.33
N SER A 68 20.30 -0.27 -2.38
CA SER A 68 21.58 -0.81 -1.93
C SER A 68 21.41 -2.28 -1.60
N SER A 69 22.53 -3.00 -1.59
CA SER A 69 22.55 -4.38 -1.15
C SER A 69 23.15 -4.47 0.25
N ASP A 70 23.43 -3.30 0.84
CA ASP A 70 23.96 -3.22 2.20
C ASP A 70 22.81 -3.01 3.18
N PRO A 71 22.56 -3.97 4.11
CA PRO A 71 21.45 -3.84 5.06
C PRO A 71 21.46 -2.53 5.83
N GLU A 72 22.64 -2.07 6.23
CA GLU A 72 22.75 -0.82 6.97
C GLU A 72 22.25 0.37 6.15
N GLN A 73 22.65 0.43 4.89
CA GLN A 73 22.21 1.47 3.97
C GLN A 73 20.70 1.39 3.68
N ILE A 74 20.22 0.17 3.48
CA ILE A 74 18.81 -0.01 3.19
C ILE A 74 18.00 0.50 4.37
N ALA A 75 18.41 0.10 5.56
CA ALA A 75 17.72 0.53 6.78
C ALA A 75 17.77 2.06 6.95
N HIS A 76 18.92 2.64 6.68
CA HIS A 76 19.06 4.10 6.82
C HIS A 76 18.08 4.80 5.90
N SER A 77 17.89 4.29 4.69
CA SER A 77 17.01 4.95 3.74
C SER A 77 15.53 4.87 4.17
N PHE A 78 15.11 3.72 4.71
CA PHE A 78 13.77 3.64 5.26
C PHE A 78 13.60 4.50 6.50
N HIS A 79 14.63 4.60 7.33
CA HIS A 79 14.56 5.46 8.50
C HIS A 79 14.29 6.93 8.12
N GLN A 80 14.95 7.42 7.08
CA GLN A 80 14.73 8.78 6.61
C GLN A 80 13.24 9.05 6.32
N VAL A 81 12.59 8.09 5.69
CA VAL A 81 11.17 8.25 5.32
C VAL A 81 10.28 8.11 6.54
N LEU A 82 10.53 7.08 7.33
CA LEU A 82 9.74 6.83 8.52
C LEU A 82 9.86 7.97 9.52
N ALA A 83 11.08 8.48 9.73
CA ALA A 83 11.24 9.57 10.68
C ALA A 83 10.47 10.82 10.27
N ALA A 84 10.42 11.10 8.97
CA ALA A 84 9.63 12.21 8.45
C ALA A 84 8.15 12.06 8.83
N TYR A 85 7.64 10.85 8.73
CA TYR A 85 6.22 10.63 8.94
C TYR A 85 5.84 10.58 10.44
N GLN A 86 6.82 10.56 11.33
CA GLN A 86 6.53 10.60 12.76
C GLN A 86 5.89 11.90 13.17
N ASP A 87 6.30 12.99 12.54
CA ASP A 87 5.80 14.31 12.89
C ASP A 87 4.66 14.65 11.95
N SER A 88 3.54 13.99 12.13
CA SER A 88 2.38 14.16 11.27
C SER A 88 1.13 14.18 12.11
N GLN A 89 0.14 14.94 11.66
CA GLN A 89 -1.16 14.94 12.31
C GLN A 89 -2.11 13.97 11.59
N ILE A 90 -1.69 13.50 10.42
CA ILE A 90 -2.55 12.78 9.47
C ILE A 90 -2.18 11.30 9.35
N LEU A 91 -0.88 11.03 9.42
CA LEU A 91 -0.30 9.72 9.17
C LEU A 91 0.31 9.11 10.40
N ARG A 92 0.09 7.80 10.58
CA ARG A 92 0.71 7.01 11.62
C ARG A 92 1.18 5.70 11.02
N ILE A 93 2.47 5.45 11.13
CA ILE A 93 3.07 4.22 10.63
C ILE A 93 3.74 3.49 11.79
N ALA A 94 3.59 2.16 11.83
CA ALA A 94 4.14 1.37 12.91
C ALA A 94 4.65 0.04 12.41
N ASN A 95 5.84 -0.33 12.91
CA ASN A 95 6.46 -1.63 12.69
C ASN A 95 6.60 -2.41 13.98
N LYS A 96 6.44 -3.73 13.88
CA LYS A 96 6.63 -4.59 15.03
C LYS A 96 7.03 -5.98 14.58
N ILE A 97 7.91 -6.61 15.34
CA ILE A 97 8.27 -8.02 15.11
C ILE A 97 7.83 -8.87 16.30
N PHE A 98 7.29 -10.04 15.98
CA PHE A 98 6.79 -10.99 16.96
C PHE A 98 7.63 -12.24 16.82
N VAL A 99 8.28 -12.64 17.91
CA VAL A 99 9.32 -13.67 17.88
C VAL A 99 8.97 -14.84 18.78
N MET A 100 9.19 -16.07 18.28
CA MET A 100 8.92 -17.28 19.07
C MET A 100 9.67 -17.27 20.42
N ASP A 101 8.94 -17.60 21.50
CA ASP A 101 9.54 -17.73 22.83
C ASP A 101 10.82 -18.57 22.76
N GLY A 102 11.88 -18.10 23.42
CA GLY A 102 13.12 -18.84 23.46
C GLY A 102 14.10 -18.55 22.32
N TYR A 103 13.66 -17.82 21.30
CA TYR A 103 14.54 -17.48 20.18
C TYR A 103 14.96 -16.02 20.25
N GLN A 104 16.23 -15.80 20.00
CA GLN A 104 16.83 -14.48 20.10
C GLN A 104 17.21 -13.97 18.70
N LEU A 105 16.90 -12.71 18.41
CA LEU A 105 17.34 -12.09 17.16
C LEU A 105 18.83 -11.89 17.15
N ARG A 106 19.44 -11.98 15.98
CA ARG A 106 20.85 -11.60 15.88
C ARG A 106 20.98 -10.11 16.19
N GLN A 107 22.13 -9.72 16.71
CA GLN A 107 22.32 -8.36 17.18
C GLN A 107 22.10 -7.30 16.08
N GLU A 108 22.67 -7.52 14.89
CA GLU A 108 22.57 -6.52 13.83
C GLU A 108 21.13 -6.33 13.37
N PHE A 109 20.45 -7.45 13.13
CA PHE A 109 19.05 -7.46 12.74
C PHE A 109 18.22 -6.71 13.75
N ASP A 110 18.43 -7.03 15.03
CA ASP A 110 17.71 -6.43 16.13
C ASP A 110 17.93 -4.92 16.13
N GLN A 111 19.19 -4.51 16.04
CA GLN A 111 19.54 -3.08 16.07
C GLN A 111 18.99 -2.31 14.86
N LEU A 112 19.10 -2.89 13.67
CA LEU A 112 18.58 -2.21 12.49
C LEU A 112 17.06 -2.07 12.58
N LEU A 113 16.35 -3.11 13.04
CA LEU A 113 14.90 -3.00 13.13
C LEU A 113 14.49 -1.95 14.15
N SER A 114 15.12 -2.00 15.30
CA SER A 114 14.77 -1.09 16.37
C SER A 114 15.10 0.36 16.08
N LYS A 115 16.32 0.60 15.61
CA LYS A 115 16.82 1.95 15.44
C LYS A 115 16.44 2.61 14.13
N GLN A 116 16.44 1.85 13.05
CA GLN A 116 16.17 2.40 11.75
C GLN A 116 14.71 2.25 11.32
N PHE A 117 14.12 1.09 11.58
CA PHE A 117 12.72 0.88 11.21
C PHE A 117 11.80 1.23 12.38
N LEU A 118 12.39 1.66 13.49
CA LEU A 118 11.62 2.10 14.65
C LEU A 118 10.67 1.00 15.11
N SER A 119 11.10 -0.24 14.98
CA SER A 119 10.24 -1.38 15.25
C SER A 119 10.15 -1.73 16.72
N ALA A 120 8.95 -2.08 17.16
CA ALA A 120 8.76 -2.69 18.47
C ALA A 120 9.00 -4.19 18.36
N ALA A 121 9.00 -4.89 19.50
CA ALA A 121 9.26 -6.32 19.51
C ALA A 121 8.51 -6.97 20.65
N GLN A 122 8.05 -8.19 20.42
CA GLN A 122 7.36 -8.94 21.46
C GLN A 122 7.59 -10.43 21.27
N SER A 123 7.76 -11.13 22.37
CA SER A 123 7.90 -12.58 22.33
C SER A 123 6.51 -13.24 22.42
N VAL A 124 6.26 -14.24 21.58
CA VAL A 124 4.97 -14.93 21.60
C VAL A 124 5.18 -16.44 21.43
N ASP A 125 4.19 -17.21 21.84
CA ASP A 125 4.20 -18.67 21.69
C ASP A 125 3.40 -19.08 20.47
N PHE A 126 4.08 -19.31 19.35
CA PHE A 126 3.39 -19.65 18.11
C PHE A 126 2.75 -21.04 18.16
N SER A 127 3.20 -21.88 19.09
CA SER A 127 2.57 -23.20 19.23
C SER A 127 1.14 -23.01 19.74
N LYS A 128 0.92 -21.95 20.51
CA LYS A 128 -0.43 -21.50 20.84
C LYS A 128 -0.85 -20.51 19.76
N ASN A 129 -1.07 -21.03 18.57
CA ASN A 129 -1.17 -20.16 17.40
C ASN A 129 -2.43 -19.28 17.39
N VAL A 130 -3.50 -19.75 18.02
CA VAL A 130 -4.72 -18.93 18.13
C VAL A 130 -4.42 -17.70 18.99
N GLN A 131 -3.72 -17.92 20.09
CA GLN A 131 -3.32 -16.85 20.98
C GLN A 131 -2.35 -15.88 20.29
N ALA A 132 -1.36 -16.42 19.60
CA ALA A 132 -0.35 -15.58 18.95
C ALA A 132 -0.96 -14.73 17.84
N ALA A 133 -1.90 -15.30 17.10
CA ALA A 133 -2.58 -14.54 16.05
C ALA A 133 -3.41 -13.41 16.66
N ALA A 134 -4.04 -13.69 17.80
CA ALA A 134 -4.85 -12.68 18.48
C ALA A 134 -3.95 -11.53 18.94
N THR A 135 -2.80 -11.85 19.51
CA THR A 135 -1.83 -10.82 19.90
C THR A 135 -1.43 -9.93 18.72
N ILE A 136 -1.07 -10.57 17.61
CA ILE A 136 -0.64 -9.84 16.43
C ILE A 136 -1.78 -9.00 15.89
N ASN A 137 -2.95 -9.61 15.74
CA ASN A 137 -4.06 -8.95 15.09
C ASN A 137 -4.68 -7.86 15.94
N ASN A 138 -4.67 -8.03 17.26
CA ASN A 138 -5.09 -6.97 18.17
C ASN A 138 -4.17 -5.75 18.04
N TRP A 139 -2.85 -5.98 17.95
CA TRP A 139 -1.91 -4.88 17.76
C TRP A 139 -2.19 -4.13 16.46
N VAL A 140 -2.41 -4.88 15.37
CA VAL A 140 -2.73 -4.25 14.09
C VAL A 140 -4.02 -3.43 14.19
N GLU A 141 -5.04 -3.94 14.88
CA GLU A 141 -6.26 -3.17 15.06
C GLU A 141 -5.99 -1.85 15.76
N GLN A 142 -5.13 -1.89 16.77
CA GLN A 142 -4.84 -0.70 17.57
C GLN A 142 -4.08 0.34 16.72
N ARG A 143 -3.34 -0.14 15.72
CA ARG A 143 -2.53 0.71 14.87
C ARG A 143 -3.30 1.21 13.62
N THR A 144 -4.51 0.72 13.41
CA THR A 144 -5.30 1.05 12.23
C THR A 144 -6.71 1.55 12.54
N ASN A 145 -6.91 2.03 13.77
CA ASN A 145 -8.23 2.47 14.22
C ASN A 145 -9.30 1.39 14.02
N HIS A 146 -8.91 0.13 14.25
CA HIS A 146 -9.80 -1.04 14.14
C HIS A 146 -10.32 -1.23 12.72
N LEU A 147 -9.63 -0.68 11.73
CA LEU A 147 -10.06 -0.84 10.35
C LEU A 147 -9.51 -2.12 9.72
N ILE A 148 -8.36 -2.60 10.19
CA ILE A 148 -7.78 -3.83 9.67
C ILE A 148 -7.84 -4.91 10.75
N LYS A 149 -8.75 -5.86 10.53
CA LYS A 149 -8.96 -6.97 11.45
C LYS A 149 -8.48 -8.30 10.90
N ASP A 150 -8.14 -9.20 11.82
CA ASP A 150 -7.77 -10.57 11.48
C ASP A 150 -6.70 -10.64 10.37
N LEU A 151 -5.65 -9.80 10.48
CA LEU A 151 -4.62 -9.73 9.45
C LEU A 151 -3.95 -11.09 9.22
N VAL A 152 -3.47 -11.69 10.30
CA VAL A 152 -2.70 -12.92 10.22
C VAL A 152 -3.56 -14.06 10.76
N PRO A 153 -4.07 -14.93 9.86
CA PRO A 153 -4.91 -16.04 10.36
C PRO A 153 -4.13 -16.98 11.27
N ALA A 154 -4.79 -17.52 12.28
CA ALA A 154 -4.14 -18.51 13.12
C ALA A 154 -3.67 -19.70 12.31
N ASP A 155 -4.35 -20.01 11.21
CA ASP A 155 -4.00 -21.23 10.49
C ASP A 155 -2.68 -21.14 9.73
N VAL A 156 -2.07 -19.94 9.61
CA VAL A 156 -0.75 -19.85 8.96
C VAL A 156 0.37 -19.87 10.01
N LEU A 157 0.00 -19.91 11.29
CA LEU A 157 0.97 -20.02 12.38
C LEU A 157 0.92 -21.39 13.05
N ASN A 158 2.09 -21.88 13.48
CA ASN A 158 2.18 -23.16 14.18
C ASN A 158 3.50 -23.23 14.96
N SER A 159 3.77 -24.39 15.57
CA SER A 159 4.93 -24.56 16.44
C SER A 159 6.26 -24.35 15.70
N GLU A 160 6.21 -24.38 14.36
CA GLU A 160 7.40 -24.18 13.51
C GLU A 160 7.63 -22.72 13.16
N SER A 161 6.64 -21.87 13.41
CA SER A 161 6.81 -20.44 13.18
C SER A 161 7.90 -19.89 14.10
N ARG A 162 8.67 -18.92 13.60
CA ARG A 162 9.76 -18.33 14.38
C ARG A 162 9.63 -16.83 14.54
N LEU A 163 9.13 -16.15 13.51
CA LEU A 163 8.83 -14.73 13.66
C LEU A 163 7.83 -14.22 12.65
N VAL A 164 7.13 -13.14 13.04
CA VAL A 164 6.24 -12.43 12.15
C VAL A 164 6.61 -10.96 12.17
N LEU A 165 6.87 -10.44 10.97
CA LEU A 165 7.12 -9.02 10.74
C LEU A 165 5.84 -8.34 10.32
N VAL A 166 5.52 -7.19 10.91
CA VAL A 166 4.30 -6.46 10.55
C VAL A 166 4.58 -4.97 10.36
N ASN A 167 4.07 -4.42 9.27
CA ASN A 167 3.96 -2.98 9.10
C ASN A 167 2.49 -2.61 9.07
N ALA A 168 2.14 -1.53 9.76
CA ALA A 168 0.80 -0.98 9.72
C ALA A 168 0.88 0.51 9.37
N ILE A 169 -0.12 0.98 8.63
CA ILE A 169 -0.23 2.38 8.24
C ILE A 169 -1.67 2.85 8.36
N HIS A 170 -1.84 4.05 8.94
CA HIS A 170 -3.15 4.65 9.11
C HIS A 170 -3.10 6.11 8.67
N PHE A 171 -4.14 6.52 7.97
CA PHE A 171 -4.24 7.86 7.38
C PHE A 171 -5.63 8.41 7.64
N LYS A 172 -5.70 9.65 8.13
CA LYS A 172 -6.98 10.32 8.25
C LYS A 172 -6.78 11.80 7.94
N GLY A 173 -7.30 12.22 6.80
CA GLY A 173 -7.16 13.58 6.34
C GLY A 173 -8.48 14.21 5.96
N THR A 174 -8.50 15.53 6.03
CA THR A 174 -9.66 16.32 5.65
C THR A 174 -9.37 16.93 4.30
N TRP A 175 -10.33 17.01 3.40
CA TRP A 175 -10.09 17.68 2.15
C TRP A 175 -9.77 19.14 2.38
N GLN A 176 -8.87 19.68 1.60
CA GLN A 176 -8.64 21.10 1.59
C GLN A 176 -9.90 21.81 1.15
N HIS A 177 -10.50 21.29 0.09
CA HIS A 177 -11.80 21.73 -0.37
C HIS A 177 -12.83 20.63 -0.19
N GLN A 178 -13.57 20.69 0.91
CA GLN A 178 -14.61 19.68 1.18
C GLN A 178 -15.79 19.79 0.23
N PHE A 179 -16.47 18.66 0.04
CA PHE A 179 -17.74 18.62 -0.67
C PHE A 179 -18.88 18.99 0.26
N ALA A 180 -19.90 19.66 -0.28
CA ALA A 180 -21.10 19.94 0.49
C ALA A 180 -22.04 18.75 0.43
N LYS A 181 -22.37 18.19 1.59
CA LYS A 181 -23.23 17.00 1.63
C LYS A 181 -24.57 17.21 0.96
N HIS A 182 -25.12 18.43 1.05
CA HIS A 182 -26.45 18.68 0.50
C HIS A 182 -26.44 18.62 -1.03
N LEU A 183 -25.26 18.70 -1.63
CA LEU A 183 -25.14 18.57 -3.10
C LEU A 183 -24.98 17.12 -3.54
N THR A 184 -24.64 16.24 -2.61
CA THR A 184 -24.49 14.83 -2.95
C THR A 184 -25.86 14.25 -3.27
N ARG A 185 -25.96 13.52 -4.38
CA ARG A 185 -27.21 12.90 -4.78
C ARG A 185 -26.96 11.57 -5.50
N PRO A 186 -27.96 10.70 -5.52
CA PRO A 186 -27.79 9.47 -6.30
C PRO A 186 -27.55 9.81 -7.76
N ASP A 187 -26.59 9.14 -8.38
CA ASP A 187 -26.32 9.35 -9.78
C ASP A 187 -25.68 8.10 -10.38
N THR A 188 -25.58 8.09 -11.71
CA THR A 188 -25.22 6.89 -12.42
C THR A 188 -23.72 6.67 -12.45
N PHE A 189 -23.31 5.48 -12.01
CA PHE A 189 -21.94 5.00 -12.19
C PHE A 189 -21.96 3.86 -13.19
N HIS A 190 -21.18 4.01 -14.26
CA HIS A 190 -21.20 3.04 -15.36
C HIS A 190 -20.18 1.95 -15.12
N LEU A 191 -20.66 0.72 -14.92
CA LEU A 191 -19.77 -0.42 -14.70
C LEU A 191 -19.14 -0.88 -16.00
N ASP A 192 -19.97 -0.91 -17.04
CA ASP A 192 -19.57 -1.19 -18.42
C ASP A 192 -20.72 -0.79 -19.33
N GLY A 193 -20.67 -1.22 -20.59
CA GLY A 193 -21.65 -0.82 -21.59
C GLY A 193 -23.06 -1.37 -21.37
N GLU A 194 -23.17 -2.40 -20.52
CA GLU A 194 -24.45 -3.08 -20.30
C GLU A 194 -24.99 -2.82 -18.90
N ARG A 195 -24.15 -2.29 -18.02
CA ARG A 195 -24.43 -2.23 -16.58
C ARG A 195 -24.10 -0.88 -15.94
N THR A 196 -25.06 -0.34 -15.21
CA THR A 196 -24.84 0.85 -14.41
C THR A 196 -25.50 0.66 -13.04
N VAL A 197 -25.09 1.49 -12.08
CA VAL A 197 -25.68 1.46 -10.73
C VAL A 197 -25.83 2.88 -10.21
N GLN A 198 -26.82 3.08 -9.34
CA GLN A 198 -27.01 4.39 -8.71
C GLN A 198 -26.20 4.47 -7.42
N VAL A 199 -25.38 5.51 -7.31
CA VAL A 199 -24.49 5.66 -6.15
C VAL A 199 -24.54 7.11 -5.65
N PRO A 200 -24.18 7.31 -4.38
CA PRO A 200 -24.10 8.70 -3.91
C PRO A 200 -22.96 9.42 -4.62
N MET A 201 -23.30 10.40 -5.45
CA MET A 201 -22.32 11.12 -6.23
C MET A 201 -22.11 12.51 -5.62
N MET A 202 -20.88 12.75 -5.16
CA MET A 202 -20.49 14.05 -4.61
C MET A 202 -20.17 15.01 -5.75
N SER A 203 -20.44 16.29 -5.54
CA SER A 203 -20.25 17.29 -6.56
C SER A 203 -19.62 18.55 -5.98
N LEU A 204 -18.60 19.06 -6.66
CA LEU A 204 -17.88 20.25 -6.23
C LEU A 204 -17.28 20.98 -7.41
N LYS A 205 -17.50 22.29 -7.45
CA LYS A 205 -16.82 23.19 -8.39
C LYS A 205 -15.76 24.00 -7.64
N GLU A 206 -14.52 23.88 -8.07
CA GLU A 206 -13.42 24.48 -7.34
C GLU A 206 -12.19 24.49 -8.24
N ARG A 207 -11.14 25.20 -7.83
CA ARG A 207 -9.88 25.17 -8.56
C ARG A 207 -9.00 24.03 -8.04
N PHE A 208 -8.61 23.14 -8.96
CA PHE A 208 -7.77 21.99 -8.66
C PHE A 208 -6.66 21.90 -9.69
N ARG A 209 -5.56 21.30 -9.29
CA ARG A 209 -4.53 20.93 -10.24
C ARG A 209 -5.01 19.75 -11.08
N TYR A 210 -4.87 19.93 -12.40
CA TYR A 210 -5.47 19.07 -13.41
C TYR A 210 -4.48 18.82 -14.54
N ALA A 211 -4.61 17.69 -15.22
CA ALA A 211 -3.88 17.45 -16.46
C ALA A 211 -4.68 16.67 -17.47
N ASP A 212 -4.71 17.16 -18.69
CA ASP A 212 -5.16 16.36 -19.81
C ASP A 212 -4.00 15.42 -20.18
N LEU A 213 -4.30 14.14 -20.32
CA LEU A 213 -3.30 13.11 -20.63
C LEU A 213 -3.69 12.38 -21.91
N PRO A 214 -3.70 13.09 -23.03
CA PRO A 214 -4.10 12.53 -24.32
C PRO A 214 -3.28 11.31 -24.74
N ALA A 215 -2.00 11.22 -24.36
CA ALA A 215 -1.21 10.06 -24.74
C ALA A 215 -1.65 8.79 -24.02
N LEU A 216 -2.36 8.97 -22.91
CA LEU A 216 -2.91 7.88 -22.11
C LEU A 216 -4.43 7.76 -22.29
N ASP A 217 -4.98 8.60 -23.16
CA ASP A 217 -6.44 8.73 -23.36
C ASP A 217 -7.16 8.89 -22.01
N ALA A 218 -6.64 9.78 -21.19
CA ALA A 218 -7.15 9.96 -19.85
C ALA A 218 -6.96 11.38 -19.39
N MET A 219 -7.46 11.65 -18.19
CA MET A 219 -7.31 12.95 -17.54
C MET A 219 -7.05 12.69 -16.08
N ALA A 220 -6.36 13.62 -15.42
CA ALA A 220 -6.01 13.43 -14.02
C ALA A 220 -6.39 14.66 -13.21
N LEU A 221 -6.71 14.45 -11.94
CA LEU A 221 -7.05 15.54 -11.01
C LEU A 221 -6.41 15.24 -9.66
N GLU A 222 -5.87 16.28 -9.03
CA GLU A 222 -5.31 16.16 -7.70
C GLU A 222 -6.21 16.87 -6.67
N LEU A 223 -6.56 16.13 -5.62
CA LEU A 223 -7.38 16.63 -4.52
C LEU A 223 -6.52 16.72 -3.26
N PRO A 224 -6.17 17.94 -2.84
CA PRO A 224 -5.25 18.04 -1.71
C PRO A 224 -5.94 17.81 -0.37
N TYR A 225 -5.19 17.28 0.61
CA TYR A 225 -5.66 17.24 1.99
C TYR A 225 -5.19 18.48 2.73
N LYS A 226 -6.09 18.98 3.56
CA LYS A 226 -5.89 20.19 4.35
C LYS A 226 -4.64 20.10 5.22
N ASP A 227 -3.93 21.21 5.34
CA ASP A 227 -2.75 21.34 6.20
C ASP A 227 -1.74 20.22 5.99
N SER A 228 -1.34 20.00 4.74
CA SER A 228 -0.43 18.92 4.41
C SER A 228 0.08 19.07 2.99
N ASP A 229 1.08 18.27 2.62
CA ASP A 229 1.46 18.10 1.23
C ASP A 229 1.07 16.68 0.78
N LEU A 230 -0.05 16.19 1.31
CA LEU A 230 -0.63 14.91 0.89
C LEU A 230 -1.81 15.21 -0.03
N SER A 231 -2.09 14.30 -0.96
CA SER A 231 -3.20 14.51 -1.89
C SER A 231 -3.67 13.18 -2.46
N MET A 232 -4.83 13.15 -3.10
CA MET A 232 -5.36 12.05 -3.87
C MET A 232 -5.29 12.43 -5.34
N LEU A 233 -4.64 11.60 -6.05
CA LEU A 233 -4.57 11.72 -7.50
C LEU A 233 -5.60 10.76 -8.12
N ILE A 234 -6.49 11.30 -8.95
CA ILE A 234 -7.44 10.48 -9.68
C ILE A 234 -7.04 10.46 -11.14
N VAL A 235 -6.95 9.26 -11.73
CA VAL A 235 -6.67 9.11 -13.15
C VAL A 235 -7.87 8.41 -13.78
N LEU A 236 -8.50 9.14 -14.69
CA LEU A 236 -9.80 8.82 -15.24
C LEU A 236 -9.73 8.60 -16.73
N PRO A 237 -9.95 7.34 -17.19
CA PRO A 237 -9.99 7.11 -18.63
C PRO A 237 -11.04 7.98 -19.34
N ASN A 238 -10.76 8.39 -20.56
CA ASN A 238 -11.73 9.18 -21.31
C ASN A 238 -12.96 8.38 -21.73
N THR A 239 -12.83 7.06 -21.87
CA THR A 239 -13.96 6.22 -22.26
C THR A 239 -14.47 5.42 -21.05
N LYS A 240 -15.76 5.12 -21.06
CA LYS A 240 -16.39 4.42 -19.95
C LYS A 240 -15.76 3.07 -19.65
N THR A 241 -15.37 2.35 -20.70
CA THR A 241 -14.75 1.03 -20.54
C THR A 241 -13.21 1.05 -20.67
N GLY A 242 -12.61 2.22 -20.46
CA GLY A 242 -11.19 2.41 -20.72
C GLY A 242 -10.17 2.04 -19.66
N LEU A 243 -10.60 1.56 -18.48
CA LEU A 243 -9.63 1.41 -17.40
C LEU A 243 -8.58 0.31 -17.68
N PRO A 244 -8.99 -0.84 -18.24
CA PRO A 244 -7.95 -1.84 -18.51
C PRO A 244 -6.86 -1.31 -19.46
N ALA A 245 -7.26 -0.59 -20.51
CA ALA A 245 -6.30 -0.01 -21.43
C ALA A 245 -5.41 1.00 -20.69
N LEU A 246 -6.02 1.81 -19.81
CA LEU A 246 -5.24 2.81 -19.06
C LEU A 246 -4.22 2.16 -18.12
N GLU A 247 -4.63 1.07 -17.47
CA GLU A 247 -3.74 0.37 -16.55
C GLU A 247 -2.50 -0.13 -17.29
N GLU A 248 -2.66 -0.52 -18.55
CA GLU A 248 -1.52 -0.87 -19.40
C GLU A 248 -0.67 0.33 -19.81
N LYS A 249 -1.32 1.42 -20.20
CA LYS A 249 -0.61 2.62 -20.57
C LYS A 249 0.19 3.23 -19.41
N LEU A 250 -0.28 3.06 -18.17
CA LEU A 250 0.45 3.60 -17.02
C LEU A 250 1.88 3.06 -16.90
N ARG A 251 2.09 1.86 -17.41
CA ARG A 251 3.40 1.22 -17.39
C ARG A 251 4.42 1.90 -18.33
N LEU A 252 3.91 2.75 -19.22
CA LEU A 252 4.71 3.47 -20.20
C LEU A 252 5.15 4.82 -19.66
N THR A 253 4.72 5.15 -18.47
CA THR A 253 5.06 6.44 -17.87
C THR A 253 5.35 6.24 -16.40
N THR A 254 5.39 7.33 -15.64
CA THR A 254 5.65 7.24 -14.21
C THR A 254 4.75 8.20 -13.48
N LEU A 255 4.56 7.91 -12.20
CA LEU A 255 3.74 8.75 -11.35
C LEU A 255 4.26 10.18 -11.37
N SER A 256 5.58 10.33 -11.31
CA SER A 256 6.15 11.68 -11.28
C SER A 256 5.98 12.40 -12.60
N GLN A 257 6.02 11.67 -13.71
CA GLN A 257 5.76 12.31 -15.00
C GLN A 257 4.29 12.74 -15.10
N ILE A 258 3.38 11.94 -14.57
CA ILE A 258 1.96 12.33 -14.52
C ILE A 258 1.77 13.59 -13.66
N THR A 259 2.31 13.62 -12.45
CA THR A 259 1.98 14.74 -11.58
C THR A 259 2.70 16.02 -12.02
N GLN A 260 3.82 15.87 -12.73
CA GLN A 260 4.52 17.03 -13.23
C GLN A 260 3.69 17.74 -14.29
N SER A 261 2.74 17.01 -14.87
CA SER A 261 1.84 17.54 -15.89
C SER A 261 0.72 18.45 -15.36
N LEU A 262 0.48 18.41 -14.05
CA LEU A 262 -0.68 19.08 -13.45
C LEU A 262 -0.56 20.60 -13.45
N TYR A 263 -1.68 21.30 -13.64
CA TYR A 263 -1.75 22.75 -13.51
C TYR A 263 -3.11 23.16 -12.95
N GLU A 264 -3.15 24.23 -12.19
CA GLU A 264 -4.39 24.61 -11.53
C GLU A 264 -5.40 25.16 -12.52
N THR A 265 -6.65 24.72 -12.40
CA THR A 265 -7.71 25.23 -13.25
C THR A 265 -9.06 25.01 -12.59
N LYS A 266 -10.08 25.68 -13.11
CA LYS A 266 -11.42 25.56 -12.58
C LYS A 266 -12.05 24.28 -13.08
N VAL A 267 -12.58 23.49 -12.16
CA VAL A 267 -13.09 22.19 -12.48
C VAL A 267 -14.46 21.94 -11.88
N ALA A 268 -15.32 21.25 -12.63
CA ALA A 268 -16.57 20.75 -12.09
C ALA A 268 -16.41 19.26 -11.84
N LEU A 269 -16.23 18.92 -10.57
CA LEU A 269 -15.87 17.56 -10.16
C LEU A 269 -17.12 16.81 -9.72
N LYS A 270 -17.27 15.58 -10.22
CA LYS A 270 -18.17 14.60 -9.63
C LYS A 270 -17.36 13.38 -9.21
N LEU A 271 -17.57 12.93 -7.98
CA LEU A 271 -16.79 11.83 -7.41
C LEU A 271 -17.69 11.03 -6.49
N PRO A 272 -17.72 9.69 -6.64
CA PRO A 272 -18.57 8.88 -5.75
C PRO A 272 -18.09 8.89 -4.31
N ARG A 273 -19.03 8.88 -3.37
CA ARG A 273 -18.73 8.54 -1.99
C ARG A 273 -18.55 7.04 -1.95
N PHE A 274 -17.39 6.55 -1.54
CA PHE A 274 -17.18 5.08 -1.54
C PHE A 274 -16.27 4.57 -0.43
N LYS A 275 -16.46 3.30 -0.13
CA LYS A 275 -15.56 2.54 0.74
C LYS A 275 -15.13 1.30 -0.02
N ALA A 276 -13.88 0.90 0.18
CA ALA A 276 -13.37 -0.33 -0.38
C ALA A 276 -12.46 -1.04 0.62
N GLU A 277 -12.50 -2.37 0.61
CA GLU A 277 -11.65 -3.21 1.44
C GLU A 277 -11.07 -4.29 0.54
N PHE A 278 -9.81 -4.66 0.78
CA PHE A 278 -9.12 -5.58 -0.10
C PHE A 278 -8.16 -6.41 0.73
N GLN A 279 -8.09 -7.69 0.42
CA GLN A 279 -7.12 -8.56 1.09
C GLN A 279 -6.52 -9.53 0.11
N VAL A 280 -5.25 -9.85 0.33
CA VAL A 280 -4.52 -10.69 -0.59
C VAL A 280 -3.34 -11.39 0.09
N GLU A 281 -3.12 -12.64 -0.28
CA GLU A 281 -1.91 -13.35 0.08
C GLU A 281 -0.94 -13.11 -1.05
N LEU A 282 0.18 -12.48 -0.75
CA LEU A 282 1.05 -11.91 -1.77
C LEU A 282 2.15 -12.82 -2.29
N SER A 283 2.20 -14.07 -1.85
CA SER A 283 3.27 -14.99 -2.29
C SER A 283 3.34 -15.10 -3.82
N GLU A 284 2.20 -15.26 -4.48
CA GLU A 284 2.20 -15.42 -5.92
C GLU A 284 2.68 -14.14 -6.63
N VAL A 285 2.23 -12.98 -6.17
CA VAL A 285 2.71 -11.71 -6.70
C VAL A 285 4.24 -11.63 -6.59
N PHE A 286 4.78 -11.94 -5.41
CA PHE A 286 6.23 -11.85 -5.22
C PHE A 286 6.96 -12.83 -6.16
N GLN A 287 6.42 -14.03 -6.32
CA GLN A 287 7.03 -15.01 -7.20
C GLN A 287 7.03 -14.47 -8.63
N LYS A 288 5.92 -13.85 -9.02
CA LYS A 288 5.80 -13.33 -10.38
C LYS A 288 6.72 -12.12 -10.62
N LEU A 289 7.14 -11.46 -9.55
CA LEU A 289 8.09 -10.34 -9.64
C LEU A 289 9.54 -10.77 -9.41
N GLY A 290 9.76 -12.09 -9.42
CA GLY A 290 11.08 -12.66 -9.37
C GLY A 290 11.63 -12.90 -7.98
N MET A 291 10.78 -12.84 -6.96
CA MET A 291 11.19 -13.08 -5.58
C MET A 291 10.65 -14.41 -5.06
N SER A 292 11.12 -15.50 -5.63
CA SER A 292 10.60 -16.82 -5.31
C SER A 292 11.42 -17.58 -4.26
N ARG A 293 12.73 -17.34 -4.20
CA ARG A 293 13.59 -18.17 -3.38
C ARG A 293 13.22 -18.07 -1.89
N MET A 294 12.73 -16.89 -1.47
CA MET A 294 12.35 -16.68 -0.07
C MET A 294 11.26 -17.64 0.45
N PHE A 295 10.45 -18.22 -0.44
CA PHE A 295 9.41 -19.17 -0.03
C PHE A 295 9.86 -20.61 -0.14
N SER A 296 11.04 -20.83 -0.71
CA SER A 296 11.50 -22.16 -1.03
C SER A 296 12.32 -22.76 0.10
N ASP A 297 12.60 -24.06 -0.01
CA ASP A 297 13.46 -24.73 0.93
C ASP A 297 14.92 -24.32 0.74
N GLN A 298 15.21 -23.49 -0.26
CA GLN A 298 16.55 -22.92 -0.44
C GLN A 298 16.66 -21.50 0.12
N ALA A 299 15.61 -21.01 0.78
CA ALA A 299 15.62 -19.66 1.34
C ALA A 299 16.80 -19.48 2.28
N GLU A 300 17.37 -18.28 2.24
CA GLU A 300 18.52 -17.93 3.06
C GLU A 300 18.18 -16.74 3.96
N PHE A 301 17.81 -17.04 5.20
CA PHE A 301 17.51 -16.00 6.19
C PHE A 301 18.37 -16.16 7.45
N GLY A 302 19.64 -16.51 7.25
CA GLY A 302 20.53 -16.86 8.35
C GLY A 302 20.93 -15.69 9.25
N LYS A 303 20.57 -14.48 8.86
CA LYS A 303 20.90 -13.31 9.64
C LYS A 303 19.79 -12.84 10.55
N MET A 304 18.68 -13.57 10.60
CA MET A 304 17.57 -13.20 11.47
C MET A 304 17.79 -13.60 12.93
N LEU A 305 18.03 -14.89 13.18
CA LEU A 305 18.10 -15.44 14.53
C LEU A 305 19.47 -15.99 14.88
N GLN A 306 19.78 -16.01 16.18
CA GLN A 306 21.01 -16.63 16.65
C GLN A 306 21.00 -18.14 16.40
N SER A 307 19.82 -18.73 16.43
CA SER A 307 19.63 -20.15 16.16
C SER A 307 20.11 -20.55 14.74
N PRO A 308 20.75 -21.72 14.61
CA PRO A 308 21.19 -22.15 13.28
C PRO A 308 20.07 -22.75 12.42
N GLU A 309 18.84 -22.78 12.92
CA GLU A 309 17.72 -23.33 12.16
C GLU A 309 17.53 -22.61 10.82
N PRO A 310 17.43 -23.37 9.72
CA PRO A 310 17.09 -22.74 8.43
C PRO A 310 15.64 -22.23 8.43
N LEU A 311 15.42 -21.08 7.81
CA LEU A 311 14.12 -20.41 7.82
C LEU A 311 13.66 -20.11 6.40
N LYS A 312 12.34 -19.99 6.24
CA LYS A 312 11.75 -19.52 4.98
C LYS A 312 10.49 -18.75 5.27
N VAL A 313 10.03 -17.99 4.29
CA VAL A 313 8.75 -17.29 4.42
C VAL A 313 7.61 -18.25 4.09
N SER A 314 6.65 -18.36 5.02
CA SER A 314 5.50 -19.23 4.84
C SER A 314 4.23 -18.50 4.41
N ALA A 315 4.16 -17.19 4.66
CA ALA A 315 2.99 -16.42 4.26
C ALA A 315 3.33 -14.92 4.19
N ILE A 316 2.73 -14.24 3.23
CA ILE A 316 2.73 -12.76 3.23
C ILE A 316 1.31 -12.30 3.02
N ILE A 317 0.76 -11.57 3.98
CA ILE A 317 -0.63 -11.14 3.91
C ILE A 317 -0.70 -9.61 3.94
N HIS A 318 -1.55 -9.07 3.08
CA HIS A 318 -1.81 -7.64 3.02
C HIS A 318 -3.31 -7.39 3.06
N LYS A 319 -3.72 -6.46 3.91
CA LYS A 319 -5.08 -5.98 3.91
C LYS A 319 -5.09 -4.47 3.89
N ALA A 320 -6.07 -3.91 3.20
CA ALA A 320 -6.24 -2.47 3.15
C ALA A 320 -7.73 -2.07 3.15
N PHE A 321 -7.94 -0.82 3.54
CA PHE A 321 -9.25 -0.23 3.71
C PHE A 321 -9.17 1.23 3.32
N ILE A 322 -10.19 1.71 2.61
CA ILE A 322 -10.30 3.15 2.37
C ILE A 322 -11.76 3.59 2.38
N GLU A 323 -11.99 4.78 2.95
CA GLU A 323 -13.29 5.42 2.94
C GLU A 323 -13.11 6.88 2.46
N VAL A 324 -13.82 7.19 1.38
CA VAL A 324 -13.83 8.51 0.75
C VAL A 324 -15.22 9.14 0.86
N ASN A 325 -15.31 10.35 1.42
CA ASN A 325 -16.58 11.01 1.58
C ASN A 325 -16.42 12.52 1.49
N GLU A 326 -17.46 13.25 1.86
CA GLU A 326 -17.51 14.69 1.60
C GLU A 326 -16.45 15.43 2.41
N GLU A 327 -16.04 14.84 3.54
CA GLU A 327 -15.15 15.51 4.49
C GLU A 327 -13.68 15.23 4.21
N GLY A 328 -13.38 14.05 3.71
CA GLY A 328 -12.00 13.68 3.48
C GLY A 328 -11.84 12.21 3.17
N THR A 329 -10.79 11.62 3.74
CA THR A 329 -10.45 10.23 3.49
C THR A 329 -9.89 9.62 4.74
N GLU A 330 -10.31 8.40 5.05
CA GLU A 330 -9.64 7.58 6.05
C GLU A 330 -9.18 6.30 5.34
N ALA A 331 -7.92 5.95 5.55
CA ALA A 331 -7.36 4.74 4.93
C ALA A 331 -6.46 4.02 5.90
N ALA A 332 -6.34 2.71 5.73
CA ALA A 332 -5.45 1.94 6.58
C ALA A 332 -5.00 0.68 5.85
N ALA A 333 -3.86 0.16 6.24
CA ALA A 333 -3.38 -1.09 5.67
C ALA A 333 -2.40 -1.72 6.61
N ALA A 334 -2.16 -3.01 6.40
CA ALA A 334 -1.12 -3.69 7.12
C ALA A 334 -0.61 -4.86 6.30
N THR A 335 0.65 -5.19 6.53
CA THR A 335 1.33 -6.27 5.87
C THR A 335 2.01 -7.10 6.93
N GLY A 336 1.75 -8.40 6.91
CA GLY A 336 2.38 -9.36 7.79
C GLY A 336 3.08 -10.44 7.01
N MET A 337 4.28 -10.78 7.47
CA MET A 337 5.11 -11.81 6.88
C MET A 337 5.50 -12.81 7.93
N ALA A 338 5.11 -14.06 7.71
CA ALA A 338 5.42 -15.13 8.64
C ALA A 338 6.61 -15.93 8.14
N VAL A 339 7.56 -16.12 9.03
CA VAL A 339 8.79 -16.87 8.78
C VAL A 339 8.81 -18.11 9.68
N ARG A 340 9.10 -19.26 9.10
CA ARG A 340 9.09 -20.54 9.83
C ARG A 340 10.38 -21.31 9.61
N ARG A 341 10.67 -22.27 10.49
CA ARG A 341 11.79 -23.15 10.24
C ARG A 341 11.39 -24.12 9.13
N LYS A 342 12.36 -24.51 8.32
CA LYS A 342 12.09 -25.40 7.18
C LYS A 342 11.70 -26.79 7.65
N GLU A 350 -17.34 27.13 -18.71
CA GLU A 350 -15.96 27.53 -18.46
C GLU A 350 -15.21 26.51 -17.60
N PRO A 351 -15.85 25.97 -16.56
CA PRO A 351 -15.14 24.92 -15.81
C PRO A 351 -14.98 23.66 -16.65
N ILE A 352 -13.84 22.98 -16.47
CA ILE A 352 -13.61 21.69 -17.08
C ILE A 352 -14.39 20.62 -16.31
N GLU A 353 -15.12 19.76 -17.01
CA GLU A 353 -15.83 18.68 -16.34
C GLU A 353 -14.91 17.50 -16.04
N PHE A 354 -14.94 17.04 -14.80
CA PHE A 354 -14.20 15.86 -14.39
C PHE A 354 -15.15 14.98 -13.61
N PHE A 355 -15.86 14.11 -14.33
CA PHE A 355 -16.93 13.29 -13.75
C PHE A 355 -16.47 11.85 -13.61
N ALA A 356 -16.14 11.44 -12.40
CA ALA A 356 -15.64 10.10 -12.16
C ALA A 356 -16.82 9.13 -12.03
N ASP A 357 -17.54 8.96 -13.13
CA ASP A 357 -18.75 8.12 -13.14
C ASP A 357 -18.57 6.82 -13.93
N HIS A 358 -17.33 6.40 -14.05
CA HIS A 358 -16.96 5.11 -14.63
C HIS A 358 -15.61 4.73 -14.03
N PRO A 359 -15.17 3.48 -14.24
CA PRO A 359 -14.01 3.02 -13.46
C PRO A 359 -12.77 3.89 -13.62
N PHE A 360 -12.08 4.09 -12.49
CA PHE A 360 -10.90 4.94 -12.45
C PHE A 360 -9.88 4.36 -11.48
N THR A 361 -8.67 4.89 -11.55
CA THR A 361 -7.64 4.52 -10.61
C THR A 361 -7.27 5.75 -9.79
N TYR A 362 -6.80 5.53 -8.57
CA TYR A 362 -6.43 6.65 -7.69
C TYR A 362 -5.21 6.30 -6.85
N VAL A 363 -4.48 7.32 -6.43
CA VAL A 363 -3.25 7.15 -5.67
C VAL A 363 -3.25 8.19 -4.56
N LEU A 364 -3.01 7.76 -3.32
CA LEU A 364 -2.86 8.67 -2.19
C LEU A 364 -1.37 8.92 -2.08
N VAL A 365 -0.96 10.15 -2.37
CA VAL A 365 0.45 10.49 -2.55
C VAL A 365 0.98 11.54 -1.59
N HIS A 366 2.26 11.38 -1.27
CA HIS A 366 3.02 12.36 -0.51
C HIS A 366 3.93 13.13 -1.47
N GLN A 367 3.88 14.46 -1.41
CA GLN A 367 4.77 15.33 -2.21
C GLN A 367 4.65 15.01 -3.69
N LYS A 368 3.44 14.63 -4.09
CA LYS A 368 3.10 14.34 -5.49
C LYS A 368 3.81 13.13 -6.12
N ASP A 369 4.74 12.47 -5.42
CA ASP A 369 5.55 11.43 -6.08
C ASP A 369 5.71 10.12 -5.30
N LEU A 370 5.32 10.09 -4.04
CA LEU A 370 5.51 8.93 -3.18
C LEU A 370 4.15 8.31 -2.85
N PRO A 371 3.87 7.11 -3.39
CA PRO A 371 2.53 6.53 -3.19
C PRO A 371 2.39 5.74 -1.88
N LEU A 372 1.46 6.19 -1.04
CA LEU A 372 1.14 5.52 0.21
C LEU A 372 0.01 4.49 0.03
N PHE A 373 -0.98 4.84 -0.78
CA PHE A 373 -2.09 3.94 -1.13
C PHE A 373 -2.33 4.02 -2.63
N TRP A 374 -2.80 2.93 -3.21
CA TRP A 374 -3.10 2.87 -4.63
C TRP A 374 -4.31 1.95 -4.78
N GLY A 375 -5.26 2.37 -5.60
CA GLY A 375 -6.44 1.55 -5.83
C GLY A 375 -7.18 1.85 -7.10
N SER A 376 -8.27 1.10 -7.28
CA SER A 376 -9.18 1.28 -8.40
C SER A 376 -10.61 1.15 -7.91
N VAL A 377 -11.49 1.90 -8.55
CA VAL A 377 -12.90 1.71 -8.38
C VAL A 377 -13.46 1.15 -9.68
N VAL A 378 -13.88 -0.11 -9.66
CA VAL A 378 -14.42 -0.73 -10.88
C VAL A 378 -15.88 -1.07 -10.69
N ARG A 379 -16.29 -1.21 -9.45
CA ARG A 379 -17.71 -1.46 -9.19
C ARG A 379 -18.15 -0.86 -7.86
N LEU A 380 -19.43 -0.55 -7.78
CA LEU A 380 -20.00 0.04 -6.57
C LEU A 380 -21.37 -0.56 -6.40
N GLU A 381 -21.80 -0.73 -5.16
CA GLU A 381 -23.07 -1.38 -4.89
C GLU A 381 -24.21 -0.37 -4.83
N GLU A 382 -25.43 -0.90 -4.80
CA GLU A 382 -26.64 -0.14 -4.49
C GLU A 382 -26.90 0.97 -5.49
#